data_3IO7
#
_entry.id   3IO7
#
_cell.length_a   93.922
_cell.length_b   101.752
_cell.length_c   67.194
_cell.angle_alpha   90.000
_cell.angle_beta   90.000
_cell.angle_gamma   90.000
#
_symmetry.space_group_name_H-M   'C 2 2 21'
#
loop_
_entity.id
_entity.type
_entity.pdbx_description
1 polymer 'Tyrosine-protein kinase JAK2'
2 non-polymer (3S)-1-[6-(2-aminopyrazolo[1,5-a]pyrimidin-3-yl)pyrimidin-4-yl]-N,N-diethylpiperidine-3-carboxamide
3 water water
#
_entity_poly.entity_id   1
_entity_poly.type   'polypeptide(L)'
_entity_poly.pdbx_seq_one_letter_code
;MGSSHHHHHHSSGLVPRGSHNMTQFEERHLKFLQQLGKGNFGSVEMCRYDPLQDNTGEVVAVKKLQHSTEEHLRDFEREI
EILKSLQHDNIVKYKGVCYSAGRRNLKLIMEYLPYGSLRDYLQKHKERIDHIKLLQYTSQICKGMEYLGTKRYIHRDLAT
RNILVENENRVKIGDFGLTKVLPQDKE(PTR)(PTR)KVKEPGESPIFWYAPESLTESKFSVASDVWSFGVVLYELFTYI
EKSKSPPAEFMRMIGNDKQGQMIVFHLIELLKNNGRLPRPDGCPDEIYMIMTECWNNNVNQRPSFRDLALRVDQIRDNMA
G
;
_entity_poly.pdbx_strand_id   A
#
loop_
_chem_comp.id
_chem_comp.type
_chem_comp.name
_chem_comp.formula
1P5 non-polymer (3S)-1-[6-(2-aminopyrazolo[1,5-a]pyrimidin-3-yl)pyrimidin-4-yl]-N,N-diethylpiperidine-3-carboxamide 'C20 H26 N8 O'
#
# COMPACT_ATOMS: atom_id res chain seq x y z
N THR A 23 -17.17 -21.65 -3.96
CA THR A 23 -18.59 -21.19 -3.83
C THR A 23 -18.83 -19.87 -4.56
N GLN A 24 -19.98 -19.78 -5.22
CA GLN A 24 -20.27 -18.74 -6.20
C GLN A 24 -20.94 -17.49 -5.64
N PHE A 25 -20.71 -16.36 -6.29
CA PHE A 25 -21.38 -15.11 -5.93
C PHE A 25 -22.25 -14.63 -7.08
N GLU A 26 -23.56 -14.80 -6.91
CA GLU A 26 -24.55 -14.38 -7.89
C GLU A 26 -24.75 -12.86 -7.90
N GLU A 27 -24.62 -12.29 -9.10
CA GLU A 27 -24.93 -10.90 -9.39
C GLU A 27 -26.13 -10.30 -8.64
N ARG A 28 -27.29 -10.92 -8.84
CA ARG A 28 -28.58 -10.44 -8.32
C ARG A 28 -28.64 -10.26 -6.81
N HIS A 29 -27.80 -10.99 -6.08
CA HIS A 29 -27.82 -10.94 -4.61
C HIS A 29 -26.76 -10.05 -3.98
N LEU A 30 -26.06 -9.27 -4.80
CA LEU A 30 -25.19 -8.22 -4.28
C LEU A 30 -25.96 -6.93 -4.13
N LYS A 31 -26.25 -6.55 -2.89
CA LYS A 31 -26.98 -5.32 -2.64
C LYS A 31 -25.99 -4.19 -2.34
N PHE A 32 -26.12 -3.07 -3.04
CA PHE A 32 -25.29 -1.91 -2.77
C PHE A 32 -25.63 -1.31 -1.40
N LEU A 33 -24.60 -1.04 -0.62
CA LEU A 33 -24.78 -0.34 0.65
C LEU A 33 -24.14 1.05 0.60
N GLN A 34 -22.86 1.10 0.25
CA GLN A 34 -22.11 2.37 0.23
C GLN A 34 -20.91 2.36 -0.70
N GLN A 35 -20.66 3.51 -1.30
CA GLN A 35 -19.38 3.81 -1.94
C GLN A 35 -18.29 3.76 -0.85
N LEU A 36 -17.10 3.28 -1.20
CA LEU A 36 -15.99 3.27 -0.24
C LEU A 36 -14.79 4.04 -0.75
N GLY A 37 -14.49 3.92 -2.04
CA GLY A 37 -13.40 4.69 -2.63
C GLY A 37 -13.05 4.37 -4.07
N LYS A 38 -12.08 5.11 -4.60
CA LYS A 38 -11.56 4.91 -5.96
C LYS A 38 -10.10 4.41 -5.91
N GLY A 39 -9.82 3.38 -6.69
CA GLY A 39 -8.46 2.81 -6.79
C GLY A 39 -7.44 3.74 -7.42
N GLY A 42 -10.13 0.84 -10.19
CA GLY A 42 -11.53 0.45 -9.99
C GLY A 42 -12.26 1.33 -8.98
N SER A 43 -13.45 0.89 -8.58
CA SER A 43 -14.08 1.52 -7.43
C SER A 43 -14.33 0.43 -6.40
N VAL A 44 -14.43 0.81 -5.12
CA VAL A 44 -14.57 -0.15 -4.04
C VAL A 44 -15.85 0.14 -3.28
N GLU A 45 -16.72 -0.88 -3.18
CA GLU A 45 -18.05 -0.69 -2.60
C GLU A 45 -18.31 -1.65 -1.46
N MET A 46 -19.13 -1.20 -0.51
CA MET A 46 -19.59 -2.05 0.58
C MET A 46 -20.95 -2.66 0.17
N CYS A 47 -21.06 -3.97 0.21
CA CYS A 47 -22.26 -4.63 -0.26
C CYS A 47 -22.70 -5.72 0.69
N ARG A 48 -23.98 -6.05 0.66
CA ARG A 48 -24.46 -7.23 1.33
C ARG A 48 -24.73 -8.34 0.31
N TYR A 49 -24.00 -9.46 0.47
CA TYR A 49 -24.33 -10.66 -0.26
C TYR A 49 -25.48 -11.34 0.48
N ASP A 50 -26.69 -11.12 -0.05
CA ASP A 50 -27.91 -11.57 0.60
C ASP A 50 -28.72 -12.52 -0.29
N PRO A 51 -28.23 -13.76 -0.52
CA PRO A 51 -29.03 -14.68 -1.32
C PRO A 51 -30.34 -15.14 -0.67
N LEU A 52 -30.50 -14.91 0.64
CA LEU A 52 -31.72 -15.30 1.36
C LEU A 52 -32.80 -14.21 1.43
N GLN A 53 -32.49 -13.02 0.92
CA GLN A 53 -33.42 -11.87 0.88
C GLN A 53 -34.05 -11.34 2.18
N ASP A 54 -33.40 -11.55 3.32
CA ASP A 54 -33.89 -10.95 4.57
C ASP A 54 -32.88 -10.01 5.24
N ASN A 55 -31.82 -9.66 4.51
CA ASN A 55 -30.77 -8.77 5.01
C ASN A 55 -29.97 -9.36 6.16
N THR A 56 -29.78 -10.68 6.12
CA THR A 56 -28.92 -11.36 7.08
C THR A 56 -27.59 -11.79 6.45
N GLY A 57 -27.37 -11.42 5.19
CA GLY A 57 -26.18 -11.84 4.48
C GLY A 57 -24.93 -11.14 4.98
N GLU A 58 -23.77 -11.70 4.63
CA GLU A 58 -22.48 -11.08 4.93
C GLU A 58 -22.24 -9.77 4.18
N VAL A 59 -21.76 -8.77 4.91
CA VAL A 59 -21.24 -7.55 4.30
C VAL A 59 -19.82 -7.83 3.79
N VAL A 60 -19.55 -7.41 2.56
CA VAL A 60 -18.29 -7.70 1.88
C VAL A 60 -17.85 -6.43 1.15
N ALA A 61 -16.68 -6.48 0.53
CA ALA A 61 -16.19 -5.38 -0.26
C ALA A 61 -16.00 -5.82 -1.70
N VAL A 62 -16.48 -4.99 -2.62
CA VAL A 62 -16.49 -5.34 -4.01
C VAL A 62 -15.60 -4.37 -4.77
N LYS A 63 -14.62 -4.90 -5.50
CA LYS A 63 -13.83 -4.06 -6.39
C LYS A 63 -14.25 -4.33 -7.83
N LYS A 64 -14.62 -3.27 -8.53
CA LYS A 64 -15.02 -3.37 -9.93
C LYS A 64 -14.28 -2.32 -10.72
N LEU A 65 -13.99 -2.62 -11.98
CA LEU A 65 -13.31 -1.67 -12.87
C LEU A 65 -14.25 -0.54 -13.25
N GLN A 66 -13.68 0.62 -13.57
CA GLN A 66 -14.47 1.78 -14.01
C GLN A 66 -14.53 1.89 -15.53
N HIS A 67 -13.44 1.54 -16.21
CA HIS A 67 -13.38 1.57 -17.66
C HIS A 67 -12.77 0.27 -18.17
N SER A 68 -13.56 -0.79 -18.05
CA SER A 68 -13.14 -2.13 -18.47
C SER A 68 -12.95 -2.26 -19.98
N THR A 69 -11.70 -2.17 -20.41
CA THR A 69 -11.29 -2.32 -21.80
C THR A 69 -10.29 -3.49 -21.84
N GLU A 70 -10.10 -4.11 -23.01
CA GLU A 70 -9.30 -5.35 -23.10
C GLU A 70 -7.96 -5.36 -22.35
N GLU A 71 -7.22 -4.24 -22.41
CA GLU A 71 -5.93 -4.11 -21.72
C GLU A 71 -6.11 -4.09 -20.21
N HIS A 72 -6.98 -3.18 -19.73
CA HIS A 72 -7.27 -3.02 -18.30
C HIS A 72 -7.97 -4.22 -17.63
N LEU A 73 -8.75 -4.98 -18.39
CA LEU A 73 -9.45 -6.15 -17.85
C LEU A 73 -8.51 -7.34 -17.65
N ARG A 74 -7.56 -7.49 -18.57
CA ARG A 74 -6.48 -8.47 -18.45
C ARG A 74 -5.65 -8.18 -17.19
N ASP A 75 -5.43 -6.88 -16.92
CA ASP A 75 -4.75 -6.43 -15.72
C ASP A 75 -5.51 -6.79 -14.44
N PHE A 76 -6.81 -6.53 -14.44
CA PHE A 76 -7.67 -6.85 -13.29
C PHE A 76 -7.71 -8.35 -13.06
N GLU A 77 -7.70 -9.10 -14.17
CA GLU A 77 -7.65 -10.55 -14.13
C GLU A 77 -6.37 -11.06 -13.46
N ARG A 78 -5.22 -10.50 -13.86
CA ARG A 78 -3.91 -10.88 -13.31
C ARG A 78 -3.82 -10.56 -11.83
N GLU A 79 -4.33 -9.37 -11.48
CA GLU A 79 -4.45 -8.89 -10.09
C GLU A 79 -5.25 -9.86 -9.20
N ILE A 80 -6.37 -10.39 -9.72
CA ILE A 80 -7.21 -11.35 -8.99
C ILE A 80 -6.47 -12.67 -8.75
N GLU A 81 -5.76 -13.14 -9.77
CA GLU A 81 -4.88 -14.31 -9.60
C GLU A 81 -3.79 -14.07 -8.54
N ILE A 82 -3.24 -12.85 -8.51
CA ILE A 82 -2.29 -12.45 -7.47
C ILE A 82 -2.91 -12.55 -6.07
N LEU A 83 -4.03 -11.84 -5.84
CA LEU A 83 -4.69 -11.86 -4.53
C LEU A 83 -5.13 -13.25 -4.05
N LYS A 84 -5.78 -14.00 -4.94
CA LYS A 84 -6.28 -15.36 -4.65
C LYS A 84 -5.14 -16.27 -4.14
N SER A 85 -3.94 -16.11 -4.69
CA SER A 85 -2.80 -16.93 -4.29
C SER A 85 -2.13 -16.45 -3.00
N LEU A 86 -2.65 -15.38 -2.40
CA LEU A 86 -2.06 -14.78 -1.20
C LEU A 86 -2.89 -15.06 0.05
N GLN A 87 -2.27 -15.72 1.02
CA GLN A 87 -2.95 -16.12 2.25
C GLN A 87 -2.07 -15.79 3.44
N HIS A 88 -2.43 -14.72 4.17
CA HIS A 88 -1.64 -14.17 5.26
C HIS A 88 -2.50 -13.28 6.17
N ASP A 89 -2.18 -13.24 7.47
CA ASP A 89 -2.94 -12.45 8.47
C ASP A 89 -3.03 -10.97 8.17
N ASN A 90 -2.10 -10.49 7.36
CA ASN A 90 -1.98 -9.07 7.08
C ASN A 90 -2.17 -8.75 5.60
N ILE A 91 -2.83 -9.67 4.90
CA ILE A 91 -3.28 -9.40 3.54
C ILE A 91 -4.77 -9.64 3.51
N VAL A 92 -5.52 -8.73 2.90
CA VAL A 92 -6.98 -8.83 2.88
C VAL A 92 -7.42 -10.13 2.19
N LYS A 93 -8.46 -10.76 2.73
CA LYS A 93 -8.90 -12.08 2.25
C LYS A 93 -9.67 -11.97 0.94
N TYR A 94 -9.18 -12.69 -0.06
CA TYR A 94 -9.94 -12.98 -1.27
C TYR A 94 -11.15 -13.84 -0.92
N LYS A 95 -12.31 -13.50 -1.47
CA LYS A 95 -13.54 -14.25 -1.18
C LYS A 95 -14.11 -14.97 -2.39
N GLY A 96 -13.93 -14.37 -3.56
CA GLY A 96 -14.46 -14.91 -4.79
C GLY A 96 -14.56 -13.88 -5.90
N VAL A 97 -15.16 -14.29 -7.01
CA VAL A 97 -15.36 -13.43 -8.17
C VAL A 97 -16.83 -13.46 -8.58
N CYS A 98 -17.29 -12.34 -9.12
CA CYS A 98 -18.66 -12.23 -9.61
C CYS A 98 -18.67 -11.90 -11.11
N TYR A 99 -19.26 -12.82 -11.88
CA TYR A 99 -19.31 -12.72 -13.35
C TYR A 99 -20.65 -12.22 -13.90
N SER A 100 -20.59 -11.63 -15.11
CA SER A 100 -21.79 -11.32 -15.90
C SER A 100 -21.46 -11.10 -17.38
N ARG A 104 -17.84 -9.86 -20.76
CA ARG A 104 -17.13 -10.42 -19.61
C ARG A 104 -16.68 -9.30 -18.66
N ASN A 105 -17.31 -9.25 -17.49
CA ASN A 105 -17.12 -8.11 -16.60
C ASN A 105 -16.96 -8.50 -15.12
N LEU A 106 -15.82 -8.15 -14.53
CA LEU A 106 -15.42 -8.71 -13.23
C LEU A 106 -15.65 -7.86 -12.01
N LYS A 107 -16.22 -8.49 -10.98
CA LYS A 107 -16.26 -7.96 -9.62
C LYS A 107 -15.51 -8.89 -8.67
N LEU A 108 -14.43 -8.35 -8.10
CA LEU A 108 -13.64 -9.01 -7.05
C LEU A 108 -14.32 -8.83 -5.70
N ILE A 109 -14.53 -9.93 -4.98
CA ILE A 109 -15.21 -9.94 -3.68
C ILE A 109 -14.17 -10.17 -2.59
N MET A 110 -14.14 -9.29 -1.60
CA MET A 110 -13.13 -9.35 -0.54
C MET A 110 -13.81 -9.22 0.80
N GLU A 111 -13.11 -9.64 1.85
CA GLU A 111 -13.62 -9.42 3.19
C GLU A 111 -13.82 -7.91 3.38
N TYR A 112 -14.84 -7.56 4.15
CA TYR A 112 -15.05 -6.18 4.55
C TYR A 112 -14.33 -5.96 5.88
N LEU A 113 -13.35 -5.06 5.88
CA LEU A 113 -12.56 -4.70 7.06
C LEU A 113 -13.16 -3.47 7.70
N PRO A 114 -13.87 -3.65 8.82
CA PRO A 114 -14.82 -2.68 9.34
C PRO A 114 -14.28 -1.34 9.83
N TYR A 115 -12.98 -1.26 10.11
CA TYR A 115 -12.41 -0.01 10.64
C TYR A 115 -11.85 0.87 9.54
N GLY A 116 -12.08 0.48 8.28
CA GLY A 116 -11.73 1.29 7.13
C GLY A 116 -10.26 1.52 6.83
N SER A 117 -9.99 2.63 6.15
CA SER A 117 -8.64 3.00 5.69
C SER A 117 -7.75 3.45 6.83
N LEU A 118 -6.51 2.98 6.84
CA LEU A 118 -5.58 3.28 7.93
C LEU A 118 -5.33 4.79 8.01
N ARG A 119 -5.34 5.42 6.84
CA ARG A 119 -5.11 6.84 6.69
C ARG A 119 -6.13 7.64 7.49
N ASP A 120 -7.39 7.22 7.41
CA ASP A 120 -8.50 7.87 8.09
C ASP A 120 -8.58 7.49 9.56
N TYR A 121 -8.29 6.23 9.85
CA TYR A 121 -8.24 5.72 11.22
C TYR A 121 -7.18 6.39 12.11
N LEU A 122 -5.99 6.65 11.56
CA LEU A 122 -4.96 7.40 12.28
C LEU A 122 -5.35 8.86 12.51
N GLN A 123 -6.01 9.46 11.51
CA GLN A 123 -6.51 10.83 11.64
C GLN A 123 -7.63 10.93 12.68
N LYS A 124 -8.52 9.94 12.70
CA LYS A 124 -9.62 9.94 13.66
C LYS A 124 -9.12 9.80 15.10
N HIS A 125 -8.31 8.77 15.36
CA HIS A 125 -7.81 8.55 16.71
C HIS A 125 -6.41 9.14 16.95
N LYS A 126 -6.17 10.29 16.31
CA LYS A 126 -4.92 11.09 16.38
C LYS A 126 -3.85 10.58 17.33
N GLU A 127 -3.81 11.13 18.54
CA GLU A 127 -2.76 10.78 19.51
C GLU A 127 -3.19 9.70 20.49
N ARG A 128 -4.49 9.36 20.47
CA ARG A 128 -5.02 8.21 21.22
C ARG A 128 -4.24 6.90 20.92
N ILE A 129 -3.63 6.85 19.74
CA ILE A 129 -2.76 5.77 19.32
C ILE A 129 -1.31 6.12 19.70
N ASP A 130 -0.76 5.40 20.67
CA ASP A 130 0.61 5.64 21.12
C ASP A 130 1.63 4.86 20.29
N HIS A 131 2.92 5.08 20.59
CA HIS A 131 4.03 4.57 19.78
C HIS A 131 4.11 3.04 19.67
N ILE A 132 3.77 2.34 20.76
CA ILE A 132 3.79 0.87 20.75
C ILE A 132 2.69 0.29 19.84
N LYS A 133 1.57 1.01 19.73
CA LYS A 133 0.48 0.60 18.85
C LYS A 133 0.87 0.80 17.36
N LEU A 134 1.44 1.97 17.04
CA LEU A 134 1.96 2.26 15.68
C LEU A 134 3.04 1.27 15.24
N LEU A 135 3.78 0.73 16.21
CA LEU A 135 4.80 -0.26 15.91
C LEU A 135 4.22 -1.65 15.69
N GLN A 136 3.09 -1.93 16.35
CA GLN A 136 2.30 -3.12 16.09
C GLN A 136 1.89 -3.10 14.62
N TYR A 137 1.42 -1.95 14.16
CA TYR A 137 1.00 -1.75 12.77
C TYR A 137 2.16 -1.85 11.78
N THR A 138 3.29 -1.23 12.15
CA THR A 138 4.52 -1.27 11.34
C THR A 138 4.92 -2.73 11.09
N SER A 139 4.99 -3.49 12.19
CA SER A 139 5.43 -4.88 12.18
C SER A 139 4.58 -5.71 11.23
N GLN A 140 3.26 -5.49 11.32
CA GLN A 140 2.26 -6.22 10.52
C GLN A 140 2.33 -5.91 9.04
N ILE A 141 2.45 -4.62 8.71
CA ILE A 141 2.64 -4.21 7.32
C ILE A 141 3.87 -4.91 6.77
N CYS A 142 4.94 -4.84 7.56
CA CYS A 142 6.24 -5.41 7.23
C CYS A 142 6.18 -6.92 6.92
N LYS A 143 5.49 -7.67 7.78
CA LYS A 143 5.31 -9.11 7.62
C LYS A 143 4.55 -9.45 6.34
N GLY A 144 3.53 -8.65 6.03
CA GLY A 144 2.74 -8.81 4.82
C GLY A 144 3.58 -8.64 3.56
N MET A 145 4.57 -7.74 3.63
CA MET A 145 5.45 -7.41 2.53
C MET A 145 6.52 -8.49 2.34
N GLU A 146 7.08 -8.96 3.46
CA GLU A 146 8.05 -10.04 3.50
C GLU A 146 7.49 -11.29 2.84
N TYR A 147 6.30 -11.68 3.29
CA TYR A 147 5.56 -12.80 2.71
C TYR A 147 5.27 -12.62 1.23
N LEU A 148 4.81 -11.42 0.86
CA LEU A 148 4.60 -11.07 -0.54
C LEU A 148 5.88 -11.24 -1.38
N GLY A 149 7.04 -11.11 -0.74
CA GLY A 149 8.32 -11.24 -1.43
C GLY A 149 8.70 -12.67 -1.76
N THR A 150 8.21 -13.60 -0.95
CA THR A 150 8.51 -15.03 -1.11
C THR A 150 7.88 -15.62 -2.38
N LYS A 151 6.96 -14.89 -3.00
CA LYS A 151 6.32 -15.31 -4.25
C LYS A 151 6.82 -14.47 -5.40
N ARG A 152 7.80 -13.62 -5.11
CA ARG A 152 8.40 -12.75 -6.12
C ARG A 152 7.38 -11.77 -6.72
N TYR A 153 6.53 -11.22 -5.86
CA TYR A 153 5.60 -10.15 -6.24
C TYR A 153 6.24 -8.83 -5.79
N ILE A 154 5.89 -7.73 -6.47
CA ILE A 154 6.38 -6.38 -6.14
C ILE A 154 5.19 -5.42 -6.07
N HIS A 155 4.85 -4.96 -4.87
CA HIS A 155 3.65 -4.15 -4.67
C HIS A 155 3.54 -2.90 -5.53
N ARG A 156 4.64 -2.14 -5.61
CA ARG A 156 4.73 -0.89 -6.37
C ARG A 156 3.82 0.24 -5.91
N ASP A 157 3.16 0.09 -4.77
CA ASP A 157 2.14 1.07 -4.38
C ASP A 157 1.90 1.09 -2.87
N LEU A 158 2.92 0.76 -2.08
CA LEU A 158 2.80 0.74 -0.64
C LEU A 158 2.67 2.15 -0.06
N ALA A 159 1.57 2.36 0.64
CA ALA A 159 1.13 3.68 1.06
C ALA A 159 -0.02 3.45 2.03
N THR A 160 -0.11 4.28 3.05
CA THR A 160 -1.13 4.02 4.08
C THR A 160 -2.59 4.05 3.59
N ARG A 161 -2.85 4.66 2.43
CA ARG A 161 -4.21 4.58 1.83
C ARG A 161 -4.48 3.26 1.08
N ASN A 162 -3.53 2.33 1.15
CA ASN A 162 -3.72 0.99 0.63
C ASN A 162 -3.66 -0.03 1.78
N ILE A 163 -3.54 0.49 3.01
CA ILE A 163 -3.61 -0.31 4.24
C ILE A 163 -4.97 -0.13 4.91
N LEU A 164 -5.53 -1.23 5.40
CA LEU A 164 -6.86 -1.19 6.02
C LEU A 164 -6.81 -1.71 7.44
N VAL A 165 -7.84 -1.37 8.21
CA VAL A 165 -7.93 -1.74 9.62
C VAL A 165 -9.08 -2.71 9.91
N GLU A 166 -8.75 -3.87 10.47
CA GLU A 166 -9.75 -4.87 10.84
C GLU A 166 -10.29 -4.60 12.24
N ASN A 167 -9.38 -4.30 13.16
CA ASN A 167 -9.69 -3.98 14.53
C ASN A 167 -8.46 -3.27 15.12
N GLU A 168 -8.56 -2.79 16.37
CA GLU A 168 -7.49 -2.12 17.11
C GLU A 168 -6.11 -2.79 16.96
N ASN A 169 -6.10 -4.12 16.90
CA ASN A 169 -4.88 -4.94 16.93
C ASN A 169 -4.39 -5.43 15.57
N ARG A 170 -5.00 -4.96 14.48
CA ARG A 170 -4.82 -5.63 13.18
C ARG A 170 -5.11 -4.78 11.93
N VAL A 171 -4.07 -4.57 11.14
CA VAL A 171 -4.17 -3.93 9.84
C VAL A 171 -3.78 -4.92 8.71
N LYS A 172 -4.19 -4.61 7.49
CA LYS A 172 -3.87 -5.49 6.36
C LYS A 172 -3.57 -4.69 5.10
N ILE A 173 -2.66 -5.21 4.27
CA ILE A 173 -2.48 -4.65 2.93
C ILE A 173 -3.75 -4.98 2.16
N GLY A 174 -4.42 -3.93 1.66
CA GLY A 174 -5.77 -4.07 1.14
C GLY A 174 -5.97 -3.89 -0.35
N ASP A 175 -4.89 -3.60 -1.07
CA ASP A 175 -4.96 -3.45 -2.52
C ASP A 175 -3.68 -3.93 -3.18
N PHE A 176 -3.85 -4.43 -4.40
CA PHE A 176 -2.75 -4.95 -5.18
C PHE A 176 -2.88 -4.58 -6.64
N GLY A 177 -3.55 -3.45 -6.88
CA GLY A 177 -3.89 -3.00 -8.22
C GLY A 177 -2.70 -2.76 -9.12
N LEU A 178 -1.52 -2.52 -8.52
CA LEU A 178 -0.32 -2.24 -9.33
C LEU A 178 0.77 -3.28 -9.18
N THR A 179 0.51 -4.33 -8.38
CA THR A 179 1.49 -5.39 -8.15
C THR A 179 1.90 -6.04 -9.46
N LYS A 180 3.20 -6.29 -9.60
CA LYS A 180 3.78 -6.99 -10.75
C LYS A 180 4.53 -8.23 -10.27
N VAL A 181 4.70 -9.21 -11.16
CA VAL A 181 5.43 -10.44 -10.82
C VAL A 181 6.83 -10.33 -11.40
N LEU A 182 7.84 -10.71 -10.62
CA LEU A 182 9.21 -10.71 -11.12
C LEU A 182 9.31 -11.66 -12.33
N PRO A 183 10.04 -11.27 -13.38
CA PRO A 183 10.34 -12.24 -14.44
C PRO A 183 11.36 -13.26 -13.96
N GLN A 184 11.38 -14.43 -14.60
CA GLN A 184 12.14 -15.61 -14.14
C GLN A 184 13.60 -15.34 -13.77
N ASP A 185 14.27 -14.56 -14.62
CA ASP A 185 15.72 -14.40 -14.61
C ASP A 185 16.24 -13.05 -14.09
N LYS A 186 15.33 -12.09 -13.86
CA LYS A 186 15.70 -10.76 -13.35
C LYS A 186 15.21 -10.59 -11.91
N GLU A 187 15.81 -9.64 -11.18
CA GLU A 187 15.34 -9.28 -9.83
C GLU A 187 14.59 -7.94 -9.78
N PTR A 188 14.39 -7.33 -10.94
CA PTR A 188 13.61 -6.10 -11.05
C PTR A 188 12.57 -6.25 -12.15
O PTR A 188 12.55 -7.25 -12.86
CB PTR A 188 14.49 -4.85 -11.32
CG PTR A 188 15.32 -5.00 -12.58
CD1 PTR A 188 16.55 -5.68 -12.54
CD2 PTR A 188 14.87 -4.51 -13.80
CE1 PTR A 188 17.30 -5.85 -13.69
CE2 PTR A 188 15.62 -4.67 -14.96
CZ PTR A 188 16.85 -5.33 -14.88
OH PTR A 188 17.52 -5.53 -15.89
P PTR A 188 18.41 -4.44 -16.66
O1P PTR A 188 19.71 -4.33 -15.95
O2P PTR A 188 18.60 -5.06 -18.07
O3P PTR A 188 17.69 -3.08 -16.77
N PTR A 189 11.72 -5.24 -12.30
CA PTR A 189 10.76 -5.16 -13.37
C PTR A 189 10.80 -3.78 -13.97
O PTR A 189 10.82 -2.77 -13.25
CB PTR A 189 9.41 -5.39 -12.73
CG PTR A 189 8.29 -5.79 -13.66
CD1 PTR A 189 7.86 -7.10 -13.72
CD2 PTR A 189 7.59 -4.83 -14.42
CE1 PTR A 189 6.81 -7.48 -14.52
CE2 PTR A 189 6.53 -5.21 -15.24
CZ PTR A 189 6.15 -6.54 -15.30
OH PTR A 189 5.21 -7.00 -15.95
P PTR A 189 4.51 -6.47 -17.31
O1P PTR A 189 5.48 -6.69 -18.43
O2P PTR A 189 4.06 -4.98 -17.21
O3P PTR A 189 3.24 -7.32 -17.54
N LYS A 190 10.78 -3.72 -15.29
CA LYS A 190 10.72 -2.47 -16.02
C LYS A 190 9.27 -2.17 -16.41
N VAL A 191 8.76 -1.02 -15.98
CA VAL A 191 7.42 -0.58 -16.42
C VAL A 191 7.59 0.38 -17.59
N LYS A 192 7.31 -0.11 -18.79
CA LYS A 192 7.67 0.55 -20.05
C LYS A 192 6.85 1.81 -20.32
N GLU A 193 5.54 1.75 -20.07
CA GLU A 193 4.70 2.93 -20.23
C GLU A 193 3.83 3.16 -19.00
N PRO A 194 4.30 3.98 -18.05
CA PRO A 194 3.61 4.12 -16.77
C PRO A 194 2.27 4.84 -16.87
N GLY A 195 1.32 4.37 -16.06
CA GLY A 195 0.04 5.01 -15.86
C GLY A 195 0.20 5.93 -14.66
N GLU A 196 -0.73 5.88 -13.71
CA GLU A 196 -0.63 6.72 -12.53
C GLU A 196 0.59 6.27 -11.72
N SER A 197 1.34 7.24 -11.21
CA SER A 197 2.58 6.96 -10.51
C SER A 197 2.66 7.75 -9.20
N PRO A 198 2.57 7.04 -8.05
CA PRO A 198 2.70 7.70 -6.73
C PRO A 198 4.18 8.05 -6.49
N ILE A 199 4.66 9.04 -7.24
CA ILE A 199 6.07 9.37 -7.31
C ILE A 199 6.68 9.81 -5.98
N PHE A 200 5.87 10.44 -5.12
CA PHE A 200 6.35 10.84 -3.78
C PHE A 200 6.66 9.66 -2.85
N TRP A 201 6.26 8.44 -3.26
CA TRP A 201 6.64 7.19 -2.58
C TRP A 201 7.73 6.41 -3.36
N TYR A 202 8.16 6.93 -4.51
CA TYR A 202 9.05 6.19 -5.41
C TYR A 202 10.54 6.27 -5.09
N ALA A 203 11.23 5.13 -5.18
CA ALA A 203 12.71 5.08 -5.08
C ALA A 203 13.36 5.79 -6.31
N PRO A 204 14.60 6.31 -6.16
CA PRO A 204 15.21 7.04 -7.27
C PRO A 204 15.24 6.26 -8.59
N GLU A 205 15.71 5.01 -8.52
CA GLU A 205 15.83 4.17 -9.72
C GLU A 205 14.47 3.96 -10.40
N SER A 206 13.39 3.97 -9.62
CA SER A 206 12.04 3.86 -10.17
C SER A 206 11.70 5.12 -10.96
N LEU A 207 12.19 6.26 -10.48
CA LEU A 207 11.91 7.55 -11.09
C LEU A 207 12.69 7.77 -12.38
N THR A 208 13.96 7.43 -12.37
CA THR A 208 14.82 7.66 -13.54
C THR A 208 14.61 6.61 -14.60
N GLU A 209 14.26 5.39 -14.16
CA GLU A 209 14.32 4.21 -15.03
C GLU A 209 13.12 3.27 -15.03
N SER A 210 12.18 3.46 -14.10
CA SER A 210 11.00 2.57 -13.98
C SER A 210 11.37 1.16 -13.50
N LYS A 211 12.50 1.03 -12.81
CA LYS A 211 12.92 -0.24 -12.25
C LYS A 211 12.23 -0.44 -10.92
N PHE A 212 11.48 -1.54 -10.83
CA PHE A 212 10.75 -1.87 -9.61
C PHE A 212 11.20 -3.23 -9.08
N SER A 213 11.51 -3.26 -7.80
CA SER A 213 12.09 -4.45 -7.16
C SER A 213 11.69 -4.48 -5.68
N VAL A 214 11.94 -5.59 -4.99
CA VAL A 214 11.74 -5.69 -3.54
C VAL A 214 12.41 -4.49 -2.83
N ALA A 215 13.61 -4.14 -3.26
CA ALA A 215 14.32 -3.02 -2.66
C ALA A 215 13.57 -1.68 -2.81
N SER A 216 12.81 -1.50 -3.89
CA SER A 216 12.09 -0.24 -4.09
C SER A 216 10.76 -0.22 -3.34
N ASP A 217 10.27 -1.41 -3.02
CA ASP A 217 9.17 -1.59 -2.10
C ASP A 217 9.63 -1.22 -0.68
N VAL A 218 10.87 -1.58 -0.34
CA VAL A 218 11.48 -1.20 0.94
C VAL A 218 11.57 0.33 1.13
N TRP A 219 12.05 1.04 0.10
CA TRP A 219 12.01 2.50 0.09
C TRP A 219 10.60 3.01 0.42
N SER A 220 9.58 2.46 -0.26
CA SER A 220 8.20 2.84 -0.01
C SER A 220 7.76 2.57 1.40
N PHE A 221 8.23 1.46 1.97
CA PHE A 221 7.93 1.13 3.35
C PHE A 221 8.47 2.21 4.30
N GLY A 222 9.64 2.77 3.99
CA GLY A 222 10.22 3.82 4.79
C GLY A 222 9.31 5.04 4.82
N VAL A 223 8.79 5.39 3.66
CA VAL A 223 7.81 6.46 3.52
C VAL A 223 6.49 6.19 4.26
N VAL A 224 6.07 4.92 4.30
CA VAL A 224 4.88 4.51 5.05
C VAL A 224 5.14 4.70 6.55
N LEU A 225 6.32 4.30 7.02
CA LEU A 225 6.73 4.53 8.41
C LEU A 225 6.72 6.02 8.77
N TYR A 226 7.13 6.86 7.81
CA TYR A 226 7.06 8.31 7.97
C TYR A 226 5.61 8.75 8.15
N GLU A 227 4.73 8.24 7.29
CA GLU A 227 3.31 8.55 7.35
C GLU A 227 2.74 8.18 8.73
N LEU A 228 3.07 6.99 9.23
CA LEU A 228 2.53 6.54 10.50
C LEU A 228 2.84 7.56 11.58
N PHE A 229 4.11 7.93 11.69
CA PHE A 229 4.58 8.76 12.78
C PHE A 229 4.24 10.27 12.69
N THR A 230 3.73 10.70 11.53
CA THR A 230 3.18 12.02 11.39
C THR A 230 1.69 12.01 11.67
N TYR A 231 1.14 10.82 11.92
CA TYR A 231 -0.30 10.66 12.21
C TYR A 231 -1.14 11.13 11.04
N ILE A 232 -0.54 10.98 9.86
CA ILE A 232 -1.09 11.37 8.57
C ILE A 232 -1.66 12.79 8.52
N GLU A 233 -1.05 13.67 9.31
CA GLU A 233 -1.32 15.09 9.29
C GLU A 233 -0.93 15.60 7.90
N LYS A 234 -1.89 16.21 7.21
CA LYS A 234 -1.79 16.50 5.77
C LYS A 234 -0.77 17.58 5.37
N SER A 235 -0.52 18.51 6.28
CA SER A 235 0.53 19.53 6.09
C SER A 235 1.96 18.96 6.22
N LYS A 236 2.08 17.78 6.82
CA LYS A 236 3.37 17.08 6.94
C LYS A 236 3.50 15.84 6.01
N SER A 237 2.49 15.60 5.17
CA SER A 237 2.50 14.48 4.23
C SER A 237 3.69 14.54 3.26
N PRO A 238 4.10 13.38 2.69
CA PRO A 238 5.19 13.34 1.70
C PRO A 238 5.04 14.29 0.50
N PRO A 239 3.88 14.32 -0.18
CA PRO A 239 3.75 15.33 -1.24
C PRO A 239 3.94 16.78 -0.75
N ALA A 240 3.31 17.17 0.36
CA ALA A 240 3.53 18.51 0.94
C ALA A 240 5.01 18.80 1.18
N GLU A 241 5.68 17.85 1.82
CA GLU A 241 7.08 18.00 2.23
C GLU A 241 8.10 18.07 1.10
N PHE A 242 7.99 17.19 0.09
CA PHE A 242 8.87 17.24 -1.07
C PHE A 242 8.66 18.51 -1.91
N MET A 243 7.39 18.89 -2.10
CA MET A 243 7.05 20.13 -2.82
C MET A 243 7.71 21.38 -2.23
N ARG A 244 7.68 21.49 -0.90
CA ARG A 244 8.36 22.57 -0.20
C ARG A 244 9.85 22.53 -0.55
N MET A 245 10.49 21.39 -0.31
CA MET A 245 11.91 21.21 -0.62
C MET A 245 12.33 21.55 -2.05
N ILE A 246 11.50 21.23 -3.04
CA ILE A 246 11.83 21.56 -4.44
C ILE A 246 11.20 22.87 -4.92
N GLY A 247 10.31 23.44 -4.12
CA GLY A 247 9.61 24.68 -4.47
C GLY A 247 8.22 24.41 -5.01
N ASN A 248 7.20 25.04 -4.42
CA ASN A 248 5.79 24.88 -4.89
C ASN A 248 5.51 25.33 -6.32
N ASP A 249 6.45 26.05 -6.91
CA ASP A 249 6.35 26.53 -8.30
C ASP A 249 6.68 25.44 -9.31
N LYS A 250 7.03 24.23 -8.85
CA LYS A 250 7.27 23.10 -9.75
C LYS A 250 5.96 22.39 -10.13
N GLN A 251 5.84 22.06 -11.42
CA GLN A 251 4.60 21.50 -11.98
C GLN A 251 4.91 20.46 -13.06
N GLY A 252 3.98 19.52 -13.23
CA GLY A 252 4.10 18.39 -14.15
C GLY A 252 5.42 17.66 -14.06
N GLN A 253 5.93 17.26 -15.23
CA GLN A 253 7.20 16.58 -15.39
C GLN A 253 8.40 17.27 -14.70
N MET A 254 8.32 18.59 -14.48
CA MET A 254 9.38 19.29 -13.74
C MET A 254 9.55 18.80 -12.30
N ILE A 255 8.44 18.42 -11.67
CA ILE A 255 8.47 17.81 -10.33
C ILE A 255 9.31 16.53 -10.34
N VAL A 256 9.12 15.70 -11.36
CA VAL A 256 9.90 14.47 -11.47
C VAL A 256 11.40 14.78 -11.57
N PHE A 257 11.76 15.65 -12.51
CA PHE A 257 13.13 16.10 -12.71
C PHE A 257 13.76 16.58 -11.40
N HIS A 258 13.11 17.51 -10.71
CA HIS A 258 13.71 18.12 -9.52
C HIS A 258 13.76 17.18 -8.33
N LEU A 259 12.77 16.30 -8.22
CA LEU A 259 12.75 15.29 -7.16
C LEU A 259 13.89 14.30 -7.30
N ILE A 260 14.21 13.89 -8.53
CA ILE A 260 15.36 13.03 -8.81
C ILE A 260 16.63 13.72 -8.33
N GLU A 261 16.81 14.97 -8.73
CA GLU A 261 17.94 15.78 -8.25
C GLU A 261 17.97 15.85 -6.72
N LEU A 262 16.86 16.27 -6.12
CA LEU A 262 16.79 16.38 -4.66
C LEU A 262 17.28 15.10 -3.98
N LEU A 263 16.76 13.96 -4.41
CA LEU A 263 17.08 12.67 -3.77
C LEU A 263 18.51 12.22 -4.04
N LYS A 264 18.97 12.39 -5.28
CA LYS A 264 20.38 12.14 -5.60
C LYS A 264 21.34 12.88 -4.65
N ASN A 265 20.88 14.01 -4.10
CA ASN A 265 21.68 14.80 -3.15
C ASN A 265 21.29 14.68 -1.67
N ASN A 266 20.62 13.59 -1.33
CA ASN A 266 20.28 13.25 0.06
C ASN A 266 19.19 14.09 0.71
N GLY A 267 18.46 14.84 -0.10
CA GLY A 267 17.24 15.48 0.35
C GLY A 267 16.30 14.39 0.80
N ARG A 268 15.96 14.41 2.08
CA ARG A 268 15.02 13.44 2.64
C ARG A 268 13.87 14.12 3.37
N LEU A 269 12.83 13.36 3.64
CA LEU A 269 11.79 13.81 4.54
C LEU A 269 12.38 14.05 5.94
N PRO A 270 11.90 15.10 6.61
CA PRO A 270 12.39 15.41 7.95
C PRO A 270 12.04 14.30 8.94
N ARG A 271 12.71 14.27 10.08
CA ARG A 271 12.24 13.46 11.20
C ARG A 271 10.87 13.98 11.63
N PRO A 272 9.89 13.09 11.74
CA PRO A 272 8.61 13.50 12.33
C PRO A 272 8.77 14.00 13.77
N ASP A 273 7.96 14.99 14.12
CA ASP A 273 7.91 15.55 15.45
C ASP A 273 7.50 14.48 16.46
N GLY A 274 8.38 14.25 17.43
CA GLY A 274 8.11 13.26 18.50
C GLY A 274 8.53 11.85 18.16
N CYS A 275 9.14 11.66 17.00
CA CYS A 275 9.50 10.32 16.54
C CYS A 275 10.80 9.86 17.19
N PRO A 276 10.78 8.68 17.84
CA PRO A 276 11.98 8.25 18.52
C PRO A 276 13.12 7.93 17.55
N ASP A 277 14.34 8.23 17.99
CA ASP A 277 15.58 7.97 17.26
C ASP A 277 15.56 6.71 16.38
N GLU A 278 15.30 5.56 17.00
CA GLU A 278 15.55 4.27 16.35
C GLU A 278 14.55 3.93 15.24
N ILE A 279 13.40 4.60 15.27
CA ILE A 279 12.40 4.43 14.21
C ILE A 279 12.71 5.34 13.02
N TYR A 280 13.21 6.53 13.30
CA TYR A 280 13.68 7.41 12.25
C TYR A 280 14.91 6.82 11.55
N MET A 281 15.82 6.23 12.33
CA MET A 281 16.97 5.47 11.81
C MET A 281 16.56 4.46 10.73
N ILE A 282 15.49 3.70 11.01
CA ILE A 282 14.94 2.71 10.08
C ILE A 282 14.53 3.34 8.74
N MET A 283 13.79 4.44 8.79
CA MET A 283 13.37 5.16 7.58
C MET A 283 14.55 5.51 6.68
N THR A 284 15.61 6.05 7.28
CA THR A 284 16.73 6.55 6.48
C THR A 284 17.56 5.42 5.87
N GLU A 285 17.64 4.27 6.56
CA GLU A 285 18.20 3.06 5.94
C GLU A 285 17.37 2.57 4.75
N CYS A 286 16.05 2.73 4.84
CA CYS A 286 15.16 2.42 3.71
C CYS A 286 15.39 3.38 2.55
N TRP A 287 15.71 4.64 2.86
CA TRP A 287 15.94 5.65 1.82
C TRP A 287 17.39 5.77 1.35
N ASN A 288 18.07 4.63 1.22
CA ASN A 288 19.41 4.58 0.70
C ASN A 288 19.41 4.62 -0.82
N ASN A 289 20.20 5.52 -1.41
CA ASN A 289 20.28 5.62 -2.86
C ASN A 289 20.83 4.36 -3.51
N ASN A 290 21.75 3.69 -2.79
CA ASN A 290 22.30 2.42 -3.21
C ASN A 290 21.30 1.31 -2.89
N VAL A 291 20.77 0.65 -3.92
CA VAL A 291 19.71 -0.37 -3.71
C VAL A 291 20.18 -1.61 -2.90
N ASN A 292 21.40 -2.06 -3.14
CA ASN A 292 22.01 -3.20 -2.42
C ASN A 292 21.94 -3.07 -0.90
N GLN A 293 22.05 -1.84 -0.41
CA GLN A 293 22.27 -1.56 1.00
C GLN A 293 21.01 -1.23 1.81
N ARG A 294 19.86 -1.27 1.17
CA ARG A 294 18.58 -1.16 1.87
C ARG A 294 18.37 -2.47 2.65
N PRO A 295 17.77 -2.40 3.84
CA PRO A 295 17.48 -3.64 4.54
C PRO A 295 16.41 -4.50 3.84
N SER A 296 16.34 -5.77 4.23
CA SER A 296 15.35 -6.72 3.74
C SER A 296 14.10 -6.60 4.61
N PHE A 297 12.94 -6.94 4.07
CA PHE A 297 11.74 -6.99 4.91
C PHE A 297 11.88 -7.99 6.07
N ARG A 298 12.68 -9.04 5.85
CA ARG A 298 12.95 -10.01 6.90
C ARG A 298 13.65 -9.39 8.12
N ASP A 299 14.72 -8.63 7.89
CA ASP A 299 15.42 -7.94 8.98
C ASP A 299 14.54 -6.89 9.68
N LEU A 300 13.79 -6.14 8.87
CA LEU A 300 12.94 -5.07 9.38
C LEU A 300 11.87 -5.59 10.36
N ALA A 301 11.28 -6.73 10.05
CA ALA A 301 10.30 -7.34 10.95
C ALA A 301 10.93 -7.72 12.31
N LEU A 302 12.14 -8.29 12.26
CA LEU A 302 12.89 -8.62 13.47
C LEU A 302 13.23 -7.33 14.23
N ARG A 303 13.79 -6.36 13.52
CA ARG A 303 14.15 -5.08 14.11
C ARG A 303 12.97 -4.43 14.85
N VAL A 304 11.82 -4.38 14.19
CA VAL A 304 10.66 -3.67 14.73
C VAL A 304 10.13 -4.38 15.96
N ASP A 305 10.12 -5.71 15.91
CA ASP A 305 9.69 -6.52 17.05
C ASP A 305 10.64 -6.41 18.25
N GLN A 306 11.95 -6.28 18.00
CA GLN A 306 12.97 -6.03 19.01
C GLN A 306 12.64 -4.72 19.74
N ILE A 307 12.48 -3.64 18.98
CA ILE A 307 12.09 -2.35 19.56
C ILE A 307 10.81 -2.45 20.43
N ARG A 308 9.75 -3.07 19.89
CA ARG A 308 8.48 -3.20 20.61
C ARG A 308 8.66 -3.87 21.96
N ASP A 309 9.49 -4.89 22.02
CA ASP A 309 9.73 -5.61 23.25
C ASP A 309 10.55 -4.77 24.24
N ASN A 310 11.48 -3.97 23.71
CA ASN A 310 12.27 -3.06 24.52
C ASN A 310 11.39 -2.04 25.24
N MET A 311 10.45 -1.45 24.52
CA MET A 311 9.44 -0.60 25.13
C MET A 311 8.47 -1.47 25.95
N3 1P5 B . -8.40 0.95 -2.39
C4 1P5 B . -8.39 -0.10 -1.34
C5 1P5 B . -7.08 -0.10 -0.56
C6 1P5 B . -8.71 2.22 -2.09
C8 1P5 B . -9.07 2.68 -0.71
C10 1P5 B . -8.45 4.06 -0.44
C15 1P5 B . -11.74 2.56 1.41
C17 1P5 B . -12.28 0.43 2.41
C21 1P5 B . -12.29 -1.05 2.51
C22 1P5 B . -11.77 -2.02 1.63
C24 1P5 B . -10.75 -3.04 -0.18
C26 1P5 B . -11.59 -4.41 1.58
C1 1P5 B . -6.75 1.11 -4.30
C2 1P5 B . -8.08 0.54 -3.79
O7 1P5 B . -8.74 3.07 -2.96
C11 1P5 B . -9.50 5.13 -0.12
C12 1P5 B . -10.54 4.61 0.89
N13 1P5 B . -11.24 3.38 0.40
C14 1P5 B . -10.61 2.69 -0.74
C16 1P5 B . -11.71 1.16 1.35
N18 1P5 B . -12.79 1.12 3.45
C19 1P5 B . -12.81 2.43 3.47
N20 1P5 B . -12.31 3.13 2.47
N23 1P5 B . -11.16 -1.95 0.44
C25 1P5 B . -10.96 -4.32 0.38
N27 1P5 B . -11.99 -3.25 2.20
N28 1P5 B . -12.63 -3.05 3.43
C29 1P5 B . -12.81 -1.76 3.61
N30 1P5 B . -13.41 -1.17 4.72
#